data_1UOK
#
_entry.id   1UOK
#
_cell.length_a   106.100
_cell.length_b   106.100
_cell.length_c   120.000
_cell.angle_alpha   90.00
_cell.angle_beta   90.00
_cell.angle_gamma   120.00
#
_symmetry.space_group_name_H-M   'P 62'
#
loop_
_entity.id
_entity.type
_entity.pdbx_description
1 polymer OLIGO-1,6-GLUCOSIDASE
2 water water
#
_entity_poly.entity_id   1
_entity_poly.type   'polypeptide(L)'
_entity_poly.pdbx_seq_one_letter_code
;MEKQWWKESVVYQIYPRSFMDSNGDGIGDLRGIISKLDYLKELGIDVIWLSPVYESPNDDNGYDISDYCKIMNEFGTMED
WDELLHEMHERNMKLMMDLVVNHTSDEHNWFIESRKSKDNKYRDYYIWRPGKEGKEPNNWGAAFSGSAWQYDEMTDEYYL
HLFSKKQPDLNWDNEKVRQDVYEMMKFWLEKGIDGFRMDVINFISKEEGLPTVETEEEGYVSGHKHFMNGPNIHKYLHEM
NEEVLSHYDIMTVGEMPGVTTEEAKLYTGEERKELQMVFQFEHMDLDSGEGGKWDVKPCSLLTLKENLTKWQKALEHTGW
NSLYWNNHDQPRVVSRFGNDGMYRIESAKMLATVLHMMKGTPYIYQGEEIGMTNVRFESIDEYRDIETLNMYKEKVMERG
EDIEKVMQSIYIKGRDNARTPMQWDDQNHAGFTTGEPWITVNPNYKEINVKQAIQNKDSIFYYYKKLIELRKNNEIVVYG
SYDLILENNPSIFAYVRTYGVEKLLVIANFTAEECIFELPEDISYSEVELLIHNYDVENGPIENITLRPYEAMVFKLK
;
_entity_poly.pdbx_strand_id   A
#
# COMPACT_ATOMS: atom_id res chain seq x y z
N MET A 1 21.48 -9.11 3.67
CA MET A 1 22.62 -9.94 4.20
C MET A 1 22.30 -11.43 4.07
N GLU A 2 21.53 -11.95 5.01
CA GLU A 2 21.14 -13.35 5.01
C GLU A 2 19.88 -13.61 4.20
N LYS A 3 19.78 -14.82 3.64
CA LYS A 3 18.63 -15.23 2.87
C LYS A 3 17.50 -15.43 3.85
N GLN A 4 16.33 -14.86 3.56
CA GLN A 4 15.19 -15.02 4.45
C GLN A 4 13.98 -15.33 3.59
N TRP A 5 13.06 -16.12 4.13
CA TRP A 5 11.87 -16.50 3.38
C TRP A 5 11.09 -15.28 2.97
N TRP A 6 10.99 -14.31 3.88
CA TRP A 6 10.25 -13.09 3.60
C TRP A 6 10.96 -12.18 2.61
N LYS A 7 12.19 -12.53 2.27
CA LYS A 7 12.96 -11.75 1.31
C LYS A 7 12.66 -12.31 -0.07
N GLU A 8 12.24 -13.58 -0.09
CA GLU A 8 11.92 -14.33 -1.30
C GLU A 8 10.42 -14.42 -1.62
N SER A 9 9.60 -13.83 -0.77
CA SER A 9 8.15 -13.84 -0.92
C SER A 9 7.52 -12.86 -1.89
N VAL A 10 6.32 -13.19 -2.35
CA VAL A 10 5.50 -12.34 -3.20
C VAL A 10 4.20 -12.23 -2.40
N VAL A 11 3.79 -11.00 -2.16
CA VAL A 11 2.61 -10.72 -1.38
C VAL A 11 1.47 -10.17 -2.25
N TYR A 12 0.26 -10.64 -1.94
CA TYR A 12 -0.95 -10.20 -2.61
C TYR A 12 -1.80 -9.52 -1.52
N GLN A 13 -2.21 -8.28 -1.76
CA GLN A 13 -3.03 -7.55 -0.81
C GLN A 13 -4.49 -7.61 -1.22
N ILE A 14 -5.32 -7.96 -0.24
CA ILE A 14 -6.75 -8.05 -0.44
C ILE A 14 -7.46 -7.06 0.46
N TYR A 15 -8.39 -6.32 -0.15
CA TYR A 15 -9.27 -5.35 0.52
C TYR A 15 -10.53 -6.24 0.57
N PRO A 16 -10.79 -6.92 1.71
CA PRO A 16 -11.92 -7.84 1.96
C PRO A 16 -13.28 -7.37 1.47
N ARG A 17 -13.57 -6.10 1.74
CA ARG A 17 -14.82 -5.46 1.41
C ARG A 17 -15.15 -5.46 -0.09
N SER A 18 -14.12 -5.51 -0.94
CA SER A 18 -14.31 -5.52 -2.37
C SER A 18 -13.71 -6.70 -3.09
N PHE A 19 -13.32 -7.73 -2.37
CA PHE A 19 -12.76 -8.89 -3.00
C PHE A 19 -13.83 -9.85 -3.53
N MET A 20 -14.52 -10.57 -2.64
CA MET A 20 -15.56 -11.53 -3.06
C MET A 20 -16.72 -11.67 -2.05
N ASP A 21 -17.95 -11.47 -2.51
CA ASP A 21 -19.15 -11.60 -1.68
C ASP A 21 -19.83 -12.95 -1.88
N SER A 22 -19.96 -13.71 -0.80
CA SER A 22 -20.57 -15.03 -0.87
C SER A 22 -21.97 -15.15 -0.24
N ASN A 23 -22.49 -14.09 0.35
CA ASN A 23 -23.79 -14.18 0.99
C ASN A 23 -24.86 -13.13 0.57
N GLY A 24 -24.72 -12.57 -0.63
CA GLY A 24 -25.68 -11.62 -1.14
C GLY A 24 -25.87 -10.24 -0.53
N ASP A 25 -24.98 -9.75 0.33
CA ASP A 25 -25.16 -8.39 0.86
C ASP A 25 -24.44 -7.27 0.10
N GLY A 26 -23.61 -7.63 -0.87
CA GLY A 26 -22.91 -6.62 -1.65
C GLY A 26 -21.59 -6.17 -1.05
N ILE A 27 -21.19 -6.76 0.05
CA ILE A 27 -19.93 -6.42 0.66
C ILE A 27 -19.15 -7.74 0.74
N GLY A 28 -17.88 -7.71 0.38
CA GLY A 28 -17.05 -8.92 0.37
C GLY A 28 -16.84 -9.48 1.75
N ASP A 29 -16.46 -10.74 1.84
CA ASP A 29 -16.30 -11.34 3.15
C ASP A 29 -15.25 -12.43 3.22
N LEU A 30 -15.08 -13.02 4.39
CA LEU A 30 -14.09 -14.07 4.59
C LEU A 30 -14.32 -15.35 3.83
N ARG A 31 -15.58 -15.78 3.76
CA ARG A 31 -15.92 -16.99 3.01
C ARG A 31 -15.67 -16.76 1.54
N GLY A 32 -15.90 -15.54 1.10
CA GLY A 32 -15.64 -15.23 -0.29
C GLY A 32 -14.15 -15.38 -0.60
N ILE A 33 -13.29 -14.95 0.31
CA ILE A 33 -11.84 -15.04 0.13
C ILE A 33 -11.45 -16.51 0.05
N ILE A 34 -11.93 -17.31 1.01
CA ILE A 34 -11.64 -18.74 1.08
C ILE A 34 -11.86 -19.41 -0.27
N SER A 35 -12.96 -19.05 -0.93
CA SER A 35 -13.28 -19.67 -2.21
C SER A 35 -12.35 -19.31 -3.38
N LYS A 36 -11.54 -18.26 -3.18
CA LYS A 36 -10.61 -17.82 -4.22
C LYS A 36 -9.18 -18.27 -3.97
N LEU A 37 -8.97 -18.98 -2.87
CA LEU A 37 -7.68 -19.47 -2.47
C LEU A 37 -6.91 -20.18 -3.58
N ASP A 38 -7.60 -21.01 -4.35
CA ASP A 38 -6.92 -21.73 -5.42
C ASP A 38 -6.49 -20.84 -6.57
N TYR A 39 -7.21 -19.74 -6.75
CA TYR A 39 -6.92 -18.77 -7.78
C TYR A 39 -5.57 -18.09 -7.47
N LEU A 40 -5.40 -17.68 -6.22
CA LEU A 40 -4.19 -17.01 -5.76
C LEU A 40 -2.96 -17.93 -5.77
N LYS A 41 -3.18 -19.20 -5.48
CA LYS A 41 -2.12 -20.20 -5.50
C LYS A 41 -1.66 -20.42 -6.95
N GLU A 42 -2.57 -20.28 -7.90
CA GLU A 42 -2.27 -20.41 -9.34
C GLU A 42 -1.33 -19.29 -9.77
N LEU A 43 -1.65 -18.09 -9.32
CA LEU A 43 -0.86 -16.91 -9.59
C LEU A 43 0.55 -17.18 -9.07
N GLY A 44 0.65 -17.71 -7.85
CA GLY A 44 1.95 -18.02 -7.28
C GLY A 44 2.24 -17.29 -5.98
N ILE A 45 1.20 -16.65 -5.44
CA ILE A 45 1.29 -15.88 -4.20
C ILE A 45 1.76 -16.72 -3.02
N ASP A 46 2.61 -16.12 -2.21
CA ASP A 46 3.17 -16.75 -1.02
C ASP A 46 2.47 -16.23 0.23
N VAL A 47 2.33 -14.91 0.29
CA VAL A 47 1.75 -14.27 1.44
C VAL A 47 0.55 -13.42 1.00
N ILE A 48 -0.49 -13.42 1.83
CA ILE A 48 -1.70 -12.64 1.60
C ILE A 48 -1.80 -11.68 2.76
N TRP A 49 -1.86 -10.40 2.45
CA TRP A 49 -2.01 -9.40 3.46
C TRP A 49 -3.49 -8.94 3.40
N LEU A 50 -4.19 -9.08 4.52
CA LEU A 50 -5.59 -8.66 4.57
C LEU A 50 -5.74 -7.30 5.20
N SER A 51 -6.43 -6.38 4.52
CA SER A 51 -6.71 -5.09 5.13
C SER A 51 -7.52 -5.46 6.41
N PRO A 52 -7.72 -4.52 7.36
CA PRO A 52 -8.45 -4.87 8.58
C PRO A 52 -9.77 -5.61 8.48
N VAL A 53 -9.86 -6.68 9.27
CA VAL A 53 -11.05 -7.53 9.35
C VAL A 53 -11.62 -7.54 10.78
N TYR A 54 -11.26 -6.54 11.61
CA TYR A 54 -11.71 -6.51 13.00
C TYR A 54 -13.01 -5.74 13.14
N GLU A 55 -13.60 -5.84 14.32
CA GLU A 55 -14.83 -5.15 14.63
C GLU A 55 -14.62 -3.65 14.43
N SER A 56 -15.52 -2.99 13.72
CA SER A 56 -15.37 -1.57 13.44
C SER A 56 -16.65 -0.88 12.98
N PRO A 57 -16.83 0.40 13.35
CA PRO A 57 -18.01 1.19 12.96
C PRO A 57 -17.94 1.51 11.46
N ASN A 58 -16.79 1.27 10.84
CA ASN A 58 -16.56 1.53 9.42
C ASN A 58 -16.54 2.99 8.94
N ASP A 59 -16.13 3.89 9.81
CA ASP A 59 -16.03 5.30 9.43
C ASP A 59 -14.87 5.40 8.39
N ASP A 60 -13.88 4.52 8.51
CA ASP A 60 -12.77 4.50 7.58
C ASP A 60 -12.57 3.06 7.19
N ASN A 61 -13.68 2.42 6.82
CA ASN A 61 -13.71 1.03 6.38
C ASN A 61 -12.75 0.04 7.00
N GLY A 62 -12.76 -0.06 8.31
CA GLY A 62 -11.92 -1.04 8.96
C GLY A 62 -10.75 -0.51 9.72
N TYR A 63 -10.19 0.63 9.30
CA TYR A 63 -9.04 1.23 9.98
C TYR A 63 -9.39 1.95 11.28
N ASP A 64 -10.69 1.98 11.61
CA ASP A 64 -11.21 2.56 12.86
C ASP A 64 -11.78 1.34 13.60
N ILE A 65 -10.94 0.75 14.46
CA ILE A 65 -11.19 -0.49 15.20
C ILE A 65 -11.72 -0.35 16.63
N SER A 66 -12.92 -0.92 16.89
CA SER A 66 -13.59 -0.87 18.20
C SER A 66 -13.26 -2.08 19.04
N ASP A 67 -12.85 -3.18 18.42
CA ASP A 67 -12.43 -4.32 19.19
C ASP A 67 -11.40 -5.03 18.35
N TYR A 68 -10.19 -5.19 18.90
CA TYR A 68 -9.09 -5.84 18.18
C TYR A 68 -9.15 -7.36 18.10
N CYS A 69 -9.91 -7.96 19.01
CA CYS A 69 -9.98 -9.42 19.06
C CYS A 69 -11.26 -10.07 18.55
N LYS A 70 -12.02 -9.34 17.73
CA LYS A 70 -13.25 -9.88 17.18
C LYS A 70 -13.31 -9.55 15.71
N ILE A 71 -13.92 -10.43 14.92
CA ILE A 71 -14.09 -10.21 13.48
C ILE A 71 -15.25 -9.23 13.19
N MET A 72 -15.09 -8.41 12.17
CA MET A 72 -16.11 -7.44 11.79
C MET A 72 -17.35 -8.22 11.35
N ASN A 73 -18.50 -7.78 11.84
CA ASN A 73 -19.78 -8.43 11.53
C ASN A 73 -19.97 -8.70 10.06
N GLU A 74 -19.79 -7.68 9.24
CA GLU A 74 -19.95 -7.86 7.82
C GLU A 74 -18.99 -8.88 7.20
N PHE A 75 -17.87 -9.19 7.83
CA PHE A 75 -16.94 -10.13 7.20
C PHE A 75 -17.13 -11.54 7.61
N GLY A 76 -17.77 -11.74 8.75
CA GLY A 76 -18.00 -13.09 9.18
C GLY A 76 -17.79 -13.25 10.66
N THR A 77 -17.31 -14.42 11.01
CA THR A 77 -17.07 -14.74 12.39
C THR A 77 -15.66 -15.27 12.50
N MET A 78 -15.22 -15.39 13.75
CA MET A 78 -13.89 -15.89 14.06
C MET A 78 -13.71 -17.28 13.50
N GLU A 79 -14.81 -18.00 13.36
CA GLU A 79 -14.71 -19.35 12.84
C GLU A 79 -14.39 -19.29 11.35
N ASP A 80 -14.91 -18.28 10.65
CA ASP A 80 -14.64 -18.17 9.23
C ASP A 80 -13.16 -17.83 9.06
N TRP A 81 -12.67 -17.02 9.98
CA TRP A 81 -11.28 -16.60 9.99
C TRP A 81 -10.34 -17.81 10.22
N ASP A 82 -10.59 -18.59 11.28
CA ASP A 82 -9.77 -19.76 11.59
C ASP A 82 -9.70 -20.71 10.41
N GLU A 83 -10.77 -20.80 9.66
CA GLU A 83 -10.81 -21.68 8.49
C GLU A 83 -9.94 -21.12 7.37
N LEU A 84 -9.91 -19.79 7.25
CA LEU A 84 -9.09 -19.11 6.23
C LEU A 84 -7.63 -19.41 6.55
N LEU A 85 -7.24 -19.20 7.80
CA LEU A 85 -5.87 -19.44 8.21
C LEU A 85 -5.47 -20.87 7.88
N HIS A 86 -6.31 -21.83 8.25
CA HIS A 86 -6.03 -23.26 7.99
C HIS A 86 -5.95 -23.66 6.51
N GLU A 87 -6.90 -23.18 5.72
CA GLU A 87 -6.94 -23.44 4.29
C GLU A 87 -5.75 -22.80 3.59
N MET A 88 -5.31 -21.67 4.14
CA MET A 88 -4.13 -20.98 3.62
C MET A 88 -2.91 -21.80 3.98
N HIS A 89 -2.75 -22.12 5.27
CA HIS A 89 -1.62 -22.92 5.71
C HIS A 89 -1.65 -24.30 5.08
N GLU A 90 -2.85 -24.79 4.73
CA GLU A 90 -2.99 -26.08 4.07
C GLU A 90 -2.19 -25.99 2.79
N ARG A 91 -2.45 -24.92 2.03
CA ARG A 91 -1.69 -24.63 0.82
C ARG A 91 -0.45 -24.04 1.45
N ASN A 92 0.55 -23.69 0.68
CA ASN A 92 1.70 -23.18 1.41
C ASN A 92 1.73 -21.66 1.38
N MET A 93 0.67 -21.07 1.92
CA MET A 93 0.52 -19.63 1.96
C MET A 93 0.52 -19.12 3.40
N LYS A 94 0.97 -17.88 3.58
CA LYS A 94 1.06 -17.27 4.89
C LYS A 94 0.10 -16.13 4.95
N LEU A 95 -0.38 -15.85 6.16
CA LEU A 95 -1.34 -14.80 6.37
C LEU A 95 -0.72 -13.62 7.15
N MET A 96 -0.81 -12.43 6.58
CA MET A 96 -0.32 -11.21 7.20
C MET A 96 -1.54 -10.35 7.54
N MET A 97 -1.62 -9.89 8.78
CA MET A 97 -2.74 -9.07 9.25
C MET A 97 -2.33 -7.59 9.30
N ASP A 98 -3.29 -6.70 9.16
CA ASP A 98 -3.03 -5.26 9.21
C ASP A 98 -3.13 -4.85 10.68
N LEU A 99 -2.09 -4.20 11.20
CA LEU A 99 -2.00 -3.76 12.59
C LEU A 99 -2.18 -2.25 12.60
N VAL A 100 -3.31 -1.80 13.13
CA VAL A 100 -3.69 -0.39 13.19
C VAL A 100 -3.60 -0.03 14.66
N VAL A 101 -2.50 0.59 15.01
CA VAL A 101 -2.22 0.86 16.39
C VAL A 101 -1.78 2.30 16.70
N ASN A 102 -1.93 3.20 15.73
CA ASN A 102 -1.65 4.62 15.97
C ASN A 102 -2.92 5.21 16.61
N HIS A 103 -4.06 4.56 16.36
CA HIS A 103 -5.36 5.01 16.86
C HIS A 103 -6.35 3.84 16.90
N THR A 104 -7.44 4.04 17.62
CA THR A 104 -8.53 3.05 17.72
C THR A 104 -9.81 3.82 17.35
N SER A 105 -10.93 3.10 17.25
CA SER A 105 -12.22 3.74 16.99
C SER A 105 -12.59 4.52 18.27
N ASP A 106 -13.45 5.53 18.17
CA ASP A 106 -13.85 6.22 19.39
C ASP A 106 -14.93 5.39 20.12
N GLU A 107 -15.22 4.22 19.55
CA GLU A 107 -16.21 3.30 20.11
C GLU A 107 -15.54 2.12 20.73
N HIS A 108 -14.23 2.22 20.91
CA HIS A 108 -13.44 1.17 21.54
C HIS A 108 -13.61 1.39 23.03
N ASN A 109 -13.63 0.33 23.83
CA ASN A 109 -13.80 0.46 25.28
C ASN A 109 -12.82 1.39 25.99
N TRP A 110 -11.55 1.36 25.57
CA TRP A 110 -10.53 2.23 26.16
C TRP A 110 -10.95 3.69 26.01
N PHE A 111 -11.50 4.06 24.86
CA PHE A 111 -11.92 5.43 24.62
C PHE A 111 -13.22 5.80 25.32
N ILE A 112 -14.13 4.83 25.45
CA ILE A 112 -15.40 5.00 26.12
C ILE A 112 -15.12 5.46 27.56
N GLU A 113 -14.23 4.72 28.22
CA GLU A 113 -13.82 5.03 29.57
C GLU A 113 -13.00 6.31 29.63
N SER A 114 -12.00 6.40 28.77
CA SER A 114 -11.11 7.56 28.69
C SER A 114 -11.83 8.90 28.69
N ARG A 115 -12.93 9.01 27.95
CA ARG A 115 -13.67 10.27 27.91
C ARG A 115 -14.54 10.63 29.11
N LYS A 116 -14.82 9.65 29.97
CA LYS A 116 -15.66 9.88 31.14
C LYS A 116 -15.16 10.93 32.12
N SER A 117 -13.88 10.88 32.43
CA SER A 117 -13.35 11.83 33.38
C SER A 117 -11.86 11.91 33.29
N LYS A 118 -11.31 12.94 33.90
CA LYS A 118 -9.87 13.16 33.92
C LYS A 118 -9.13 12.23 34.88
N ASP A 119 -9.81 11.69 35.89
CA ASP A 119 -9.12 10.80 36.82
C ASP A 119 -9.42 9.33 36.53
N ASN A 120 -9.91 9.10 35.31
CA ASN A 120 -10.24 7.77 34.78
C ASN A 120 -8.90 7.05 34.49
N LYS A 121 -8.83 5.74 34.70
CA LYS A 121 -7.56 5.05 34.45
C LYS A 121 -7.13 4.98 32.99
N TYR A 122 -8.10 4.92 32.09
CA TYR A 122 -7.83 4.89 30.65
C TYR A 122 -7.72 6.29 30.10
N ARG A 123 -7.72 7.30 30.97
CA ARG A 123 -7.64 8.69 30.50
C ARG A 123 -6.43 8.97 29.64
N ASP A 124 -5.26 8.58 30.12
CA ASP A 124 -4.04 8.81 29.37
C ASP A 124 -3.69 7.75 28.33
N TYR A 125 -4.72 7.05 27.84
CA TYR A 125 -4.56 6.08 26.79
C TYR A 125 -4.64 6.87 25.49
N TYR A 126 -5.19 8.06 25.60
CA TYR A 126 -5.35 8.95 24.48
C TYR A 126 -4.68 10.27 24.80
N ILE A 127 -4.68 11.18 23.83
CA ILE A 127 -4.03 12.48 23.99
C ILE A 127 -5.10 13.52 24.16
N TRP A 128 -5.25 13.99 25.40
CA TRP A 128 -6.23 14.97 25.77
C TRP A 128 -5.49 16.22 26.17
N ARG A 129 -5.96 17.37 25.72
CA ARG A 129 -5.29 18.59 26.08
C ARG A 129 -6.32 19.70 26.12
N PRO A 130 -6.11 20.70 27.01
CA PRO A 130 -7.03 21.84 27.15
C PRO A 130 -6.84 22.81 25.97
N GLY A 131 -7.85 23.62 25.67
CA GLY A 131 -7.74 24.58 24.59
C GLY A 131 -6.75 25.68 24.96
N LYS A 132 -6.23 26.40 23.96
CA LYS A 132 -5.26 27.44 24.26
C LYS A 132 -5.88 28.76 24.64
N GLU A 133 -6.49 29.43 23.67
CA GLU A 133 -7.12 30.73 23.93
C GLU A 133 -8.59 30.45 24.16
N GLY A 134 -9.23 29.99 23.10
CA GLY A 134 -10.64 29.61 23.10
C GLY A 134 -10.71 28.68 21.91
N LYS A 135 -9.51 28.32 21.42
CA LYS A 135 -9.35 27.47 20.27
C LYS A 135 -8.75 26.15 20.76
N GLU A 136 -8.40 25.32 19.79
CA GLU A 136 -7.84 24.01 20.02
C GLU A 136 -6.44 24.14 20.62
N PRO A 137 -5.90 23.04 21.18
CA PRO A 137 -4.55 23.09 21.79
C PRO A 137 -3.46 23.62 20.85
N ASN A 138 -3.51 23.24 19.57
CA ASN A 138 -2.57 23.72 18.55
C ASN A 138 -3.29 23.81 17.20
N ASN A 139 -2.56 24.09 16.13
CA ASN A 139 -3.23 24.27 14.84
C ASN A 139 -3.14 23.13 13.82
N TRP A 140 -2.88 21.93 14.27
CA TRP A 140 -2.77 20.82 13.33
C TRP A 140 -4.11 20.51 12.68
N GLY A 141 -4.03 19.91 11.51
CA GLY A 141 -5.21 19.53 10.76
C GLY A 141 -5.26 18.03 10.63
N ALA A 142 -6.47 17.50 10.45
CA ALA A 142 -6.66 16.07 10.32
C ALA A 142 -6.59 15.70 8.86
N ALA A 143 -6.30 14.43 8.61
CA ALA A 143 -6.18 13.92 7.25
C ALA A 143 -7.39 14.12 6.37
N PHE A 144 -8.58 13.94 6.92
CA PHE A 144 -9.77 14.10 6.11
C PHE A 144 -10.47 15.41 6.39
N SER A 145 -9.68 16.48 6.44
CA SER A 145 -10.21 17.83 6.67
C SER A 145 -10.48 18.20 8.14
N GLY A 146 -10.52 19.52 8.37
CA GLY A 146 -10.77 20.07 9.69
C GLY A 146 -9.61 20.00 10.67
N SER A 147 -9.90 20.36 11.91
CA SER A 147 -8.93 20.34 12.99
C SER A 147 -8.63 18.90 13.42
N ALA A 148 -7.47 18.72 14.04
CA ALA A 148 -7.01 17.43 14.54
C ALA A 148 -7.44 17.27 16.00
N TRP A 149 -8.14 18.27 16.51
CA TRP A 149 -8.63 18.29 17.89
C TRP A 149 -10.15 18.34 17.93
N GLN A 150 -10.75 17.42 18.67
CA GLN A 150 -12.20 17.34 18.84
C GLN A 150 -12.55 17.68 20.29
N TYR A 151 -13.41 18.68 20.47
CA TYR A 151 -13.85 19.10 21.80
C TYR A 151 -14.83 18.12 22.44
N ASP A 152 -14.66 17.86 23.73
CA ASP A 152 -15.55 16.96 24.46
C ASP A 152 -15.98 17.67 25.76
N GLU A 153 -17.26 18.04 25.83
CA GLU A 153 -17.80 18.75 26.99
C GLU A 153 -17.65 18.04 28.32
N MET A 154 -17.70 16.71 28.30
CA MET A 154 -17.56 15.94 29.53
C MET A 154 -16.41 16.43 30.38
N THR A 155 -15.27 16.65 29.75
CA THR A 155 -14.10 17.11 30.49
C THR A 155 -13.62 18.51 30.13
N ASP A 156 -14.18 19.08 29.07
CA ASP A 156 -13.80 20.43 28.63
C ASP A 156 -12.37 20.42 28.09
N GLU A 157 -12.05 19.40 27.33
CA GLU A 157 -10.74 19.25 26.72
C GLU A 157 -10.95 18.71 25.32
N TYR A 158 -9.86 18.62 24.56
CA TYR A 158 -9.91 18.11 23.20
C TYR A 158 -9.07 16.85 23.13
N TYR A 159 -9.49 15.91 22.30
CA TYR A 159 -8.68 14.72 22.13
C TYR A 159 -8.07 14.82 20.74
N LEU A 160 -6.92 14.18 20.53
CA LEU A 160 -6.26 14.23 19.24
C LEU A 160 -6.64 13.11 18.28
N HIS A 161 -6.92 13.48 17.03
CA HIS A 161 -7.21 12.52 15.98
C HIS A 161 -6.51 13.06 14.74
N LEU A 162 -5.49 12.36 14.28
CA LEU A 162 -4.76 12.76 13.09
C LEU A 162 -5.62 12.40 11.88
N PHE A 163 -6.51 11.43 12.06
CA PHE A 163 -7.41 11.01 10.99
C PHE A 163 -8.82 11.53 11.33
N SER A 164 -9.89 10.75 11.17
CA SER A 164 -11.22 11.30 11.51
C SER A 164 -11.50 11.38 13.01
N LYS A 165 -12.51 12.17 13.37
CA LYS A 165 -12.93 12.34 14.78
C LYS A 165 -13.16 11.00 15.45
N LYS A 166 -13.61 10.02 14.66
CA LYS A 166 -13.88 8.67 15.15
C LYS A 166 -12.66 7.77 15.19
N GLN A 167 -11.48 8.36 15.06
CA GLN A 167 -10.21 7.61 15.10
C GLN A 167 -9.22 8.33 16.01
N PRO A 168 -9.50 8.38 17.32
CA PRO A 168 -8.61 9.07 18.27
C PRO A 168 -7.27 8.34 18.46
N ASP A 169 -6.20 9.13 18.50
CA ASP A 169 -4.85 8.61 18.61
C ASP A 169 -4.52 8.07 19.99
N LEU A 170 -3.83 6.93 20.00
CA LEU A 170 -3.38 6.29 21.23
C LEU A 170 -2.13 7.04 21.67
N ASN A 171 -1.91 7.08 22.99
CA ASN A 171 -0.76 7.74 23.58
C ASN A 171 0.32 6.69 23.85
N TRP A 172 1.32 6.64 22.97
CA TRP A 172 2.41 5.67 23.10
C TRP A 172 3.48 5.96 24.13
N ASP A 173 3.45 7.15 24.72
CA ASP A 173 4.42 7.46 25.77
C ASP A 173 3.98 6.84 27.08
N ASN A 174 2.83 6.17 27.06
CA ASN A 174 2.27 5.51 28.23
C ASN A 174 2.61 4.06 28.04
N GLU A 175 3.37 3.45 28.95
CA GLU A 175 3.75 2.04 28.76
C GLU A 175 2.62 1.02 28.95
N LYS A 176 1.54 1.43 29.62
CA LYS A 176 0.39 0.55 29.83
C LYS A 176 -0.24 0.33 28.46
N VAL A 177 -0.30 1.39 27.67
CA VAL A 177 -0.82 1.35 26.32
C VAL A 177 0.04 0.44 25.45
N ARG A 178 1.35 0.57 25.59
CA ARG A 178 2.24 -0.23 24.79
C ARG A 178 2.12 -1.68 25.23
N GLN A 179 2.03 -1.88 26.53
CA GLN A 179 1.89 -3.23 27.07
C GLN A 179 0.60 -3.89 26.59
N ASP A 180 -0.49 -3.12 26.59
CA ASP A 180 -1.79 -3.61 26.13
C ASP A 180 -1.77 -3.95 24.65
N VAL A 181 -1.17 -3.07 23.85
CA VAL A 181 -1.05 -3.33 22.42
C VAL A 181 -0.25 -4.60 22.16
N TYR A 182 0.82 -4.84 22.94
CA TYR A 182 1.63 -6.06 22.79
C TYR A 182 0.81 -7.29 23.16
N GLU A 183 -0.04 -7.15 24.19
CA GLU A 183 -0.91 -8.23 24.64
C GLU A 183 -1.83 -8.62 23.48
N MET A 184 -2.43 -7.62 22.86
CA MET A 184 -3.31 -7.82 21.73
C MET A 184 -2.56 -8.44 20.54
N MET A 185 -1.29 -8.09 20.35
CA MET A 185 -0.50 -8.64 19.25
C MET A 185 -0.25 -10.13 19.43
N LYS A 186 0.15 -10.51 20.64
CA LYS A 186 0.39 -11.92 20.96
C LYS A 186 -0.88 -12.76 20.77
N PHE A 187 -2.05 -12.16 21.01
CA PHE A 187 -3.32 -12.85 20.80
C PHE A 187 -3.37 -13.36 19.36
N TRP A 188 -3.12 -12.48 18.40
CA TRP A 188 -3.12 -12.90 17.01
C TRP A 188 -1.93 -13.78 16.63
N LEU A 189 -0.80 -13.56 17.28
CA LEU A 189 0.39 -14.36 16.98
C LEU A 189 0.22 -15.78 17.47
N GLU A 190 -0.47 -15.94 18.59
CA GLU A 190 -0.75 -17.25 19.14
C GLU A 190 -1.72 -18.02 18.25
N LYS A 191 -2.51 -17.32 17.43
CA LYS A 191 -3.47 -17.98 16.52
C LYS A 191 -2.77 -18.55 15.28
N GLY A 192 -1.52 -18.18 15.08
CA GLY A 192 -0.78 -18.70 13.96
C GLY A 192 -0.59 -17.83 12.73
N ILE A 193 -0.79 -16.53 12.85
CA ILE A 193 -0.58 -15.63 11.70
C ILE A 193 0.91 -15.55 11.41
N ASP A 194 1.24 -15.16 10.17
CA ASP A 194 2.63 -15.09 9.76
C ASP A 194 3.22 -13.70 9.58
N GLY A 195 2.52 -12.66 10.03
CA GLY A 195 3.01 -11.31 9.88
C GLY A 195 2.10 -10.15 10.17
N PHE A 196 2.68 -8.95 10.16
CA PHE A 196 1.96 -7.71 10.41
C PHE A 196 2.34 -6.62 9.45
N ARG A 197 1.34 -5.96 8.88
CA ARG A 197 1.54 -4.80 8.00
C ARG A 197 1.18 -3.74 9.01
N MET A 198 2.04 -2.77 9.25
CA MET A 198 1.73 -1.79 10.27
C MET A 198 1.31 -0.45 9.71
N ASP A 199 0.04 -0.10 9.98
CA ASP A 199 -0.58 1.14 9.56
C ASP A 199 0.09 2.36 10.23
N VAL A 200 0.53 3.32 9.40
CA VAL A 200 1.21 4.54 9.82
C VAL A 200 2.00 4.46 11.13
N ILE A 201 2.82 3.42 11.28
CA ILE A 201 3.60 3.25 12.51
C ILE A 201 4.62 4.33 12.81
N ASN A 202 4.99 5.17 11.85
CA ASN A 202 5.95 6.22 12.16
C ASN A 202 5.26 7.45 12.69
N PHE A 203 3.94 7.38 12.88
CA PHE A 203 3.15 8.52 13.41
C PHE A 203 2.94 8.40 14.90
N ILE A 204 3.29 7.24 15.39
CA ILE A 204 3.09 6.78 16.76
C ILE A 204 3.78 7.53 17.90
N SER A 205 4.85 8.24 17.55
CA SER A 205 5.60 8.99 18.52
C SER A 205 5.49 10.48 18.22
N LYS A 206 4.81 11.19 19.10
CA LYS A 206 4.61 12.61 18.95
C LYS A 206 5.66 13.35 19.74
N GLU A 207 5.96 14.55 19.26
CA GLU A 207 6.92 15.43 19.86
C GLU A 207 6.33 16.04 21.13
N GLU A 208 7.10 15.96 22.21
CA GLU A 208 6.72 16.49 23.51
C GLU A 208 6.16 17.90 23.34
N GLY A 209 5.01 18.15 23.94
CA GLY A 209 4.40 19.46 23.85
C GLY A 209 3.48 19.75 22.70
N LEU A 210 3.37 18.85 21.72
CA LEU A 210 2.48 19.06 20.55
C LEU A 210 2.51 20.53 20.13
N PRO A 211 3.66 20.99 19.62
CA PRO A 211 3.88 22.38 19.17
C PRO A 211 3.04 22.84 17.99
N THR A 212 2.64 24.11 18.03
CA THR A 212 1.89 24.74 16.92
C THR A 212 2.89 24.89 15.77
N VAL A 213 2.44 24.77 14.54
CA VAL A 213 3.38 24.94 13.45
C VAL A 213 3.54 26.40 13.09
N GLU A 214 4.77 26.83 13.29
CA GLU A 214 5.24 28.18 13.01
C GLU A 214 4.76 28.56 11.61
N THR A 215 3.70 29.34 11.52
CA THR A 215 3.21 29.69 10.21
C THR A 215 2.35 30.95 10.19
N GLU A 216 2.17 31.51 9.00
CA GLU A 216 1.39 32.72 8.80
C GLU A 216 0.12 32.37 8.01
N GLU A 217 -0.28 31.10 8.11
CA GLU A 217 -1.45 30.59 7.42
C GLU A 217 -2.72 30.94 8.17
N GLU A 218 -3.85 30.79 7.50
CA GLU A 218 -5.14 31.10 8.09
C GLU A 218 -5.72 30.01 8.98
N GLY A 219 -5.93 28.82 8.41
CA GLY A 219 -6.53 27.76 9.19
C GLY A 219 -5.65 26.69 9.82
N TYR A 220 -6.00 25.44 9.54
CA TYR A 220 -5.29 24.29 10.05
C TYR A 220 -4.19 23.90 9.09
N VAL A 221 -3.04 23.57 9.64
CA VAL A 221 -1.90 23.19 8.82
C VAL A 221 -1.40 21.85 9.33
N SER A 222 -0.68 21.12 8.49
CA SER A 222 -0.11 19.83 8.83
C SER A 222 0.94 19.99 9.93
N GLY A 223 0.88 19.13 10.95
CA GLY A 223 1.86 19.20 12.00
C GLY A 223 2.76 18.00 11.85
N HIS A 224 2.82 17.46 10.63
CA HIS A 224 3.62 16.28 10.36
C HIS A 224 5.04 16.35 10.89
N LYS A 225 5.63 17.53 10.87
CA LYS A 225 6.98 17.67 11.35
C LYS A 225 7.12 17.28 12.82
N HIS A 226 6.01 17.29 13.57
CA HIS A 226 6.04 16.96 14.99
C HIS A 226 5.51 15.60 15.41
N PHE A 227 5.21 14.72 14.45
CA PHE A 227 4.73 13.38 14.77
C PHE A 227 5.20 12.35 13.75
N MET A 228 5.71 12.80 12.61
CA MET A 228 6.12 11.89 11.56
C MET A 228 7.18 10.82 11.80
N ASN A 229 8.31 11.13 12.43
CA ASN A 229 9.29 10.08 12.73
C ASN A 229 9.79 10.55 14.08
N GLY A 230 8.83 10.64 15.01
CA GLY A 230 9.03 11.13 16.36
C GLY A 230 10.26 10.72 17.15
N PRO A 231 10.56 11.50 18.20
CA PRO A 231 11.68 11.39 19.16
C PRO A 231 11.91 10.02 19.78
N ASN A 232 10.86 9.20 19.91
CA ASN A 232 10.99 7.88 20.51
C ASN A 232 10.55 6.78 19.58
N ILE A 233 10.40 7.09 18.31
CA ILE A 233 9.95 6.09 17.35
C ILE A 233 10.81 4.84 17.24
N HIS A 234 12.13 4.99 17.32
CA HIS A 234 13.02 3.82 17.23
C HIS A 234 13.04 3.01 18.51
N LYS A 235 12.88 3.68 19.64
CA LYS A 235 12.83 3.01 20.94
C LYS A 235 11.55 2.14 21.05
N TYR A 236 10.43 2.66 20.56
CA TYR A 236 9.18 1.94 20.60
C TYR A 236 9.18 0.75 19.66
N LEU A 237 9.69 0.91 18.44
CA LEU A 237 9.74 -0.21 17.49
C LEU A 237 10.68 -1.33 17.87
N HIS A 238 11.74 -0.96 18.58
CA HIS A 238 12.75 -1.92 19.03
C HIS A 238 12.21 -2.58 20.29
N GLU A 239 11.46 -1.83 21.09
CA GLU A 239 10.85 -2.39 22.29
C GLU A 239 9.84 -3.44 21.86
N MET A 240 9.03 -3.07 20.88
CA MET A 240 8.01 -3.92 20.30
C MET A 240 8.66 -5.19 19.79
N ASN A 241 9.85 -5.01 19.19
CA ASN A 241 10.60 -6.10 18.63
C ASN A 241 11.13 -7.05 19.71
N GLU A 242 11.70 -6.51 20.78
CA GLU A 242 12.23 -7.35 21.88
C GLU A 242 11.13 -8.17 22.54
N GLU A 243 10.05 -7.48 22.90
CA GLU A 243 8.88 -8.06 23.57
C GLU A 243 8.00 -8.98 22.75
N VAL A 244 7.68 -8.60 21.52
CA VAL A 244 6.79 -9.39 20.69
C VAL A 244 7.35 -9.98 19.39
N LEU A 245 7.64 -9.12 18.43
CA LEU A 245 8.11 -9.53 17.11
C LEU A 245 9.19 -10.60 17.04
N SER A 246 10.20 -10.54 17.90
CA SER A 246 11.29 -11.51 17.85
C SER A 246 10.93 -12.90 18.28
N HIS A 247 9.82 -13.02 19.00
CA HIS A 247 9.40 -14.32 19.50
C HIS A 247 8.74 -15.21 18.46
N TYR A 248 8.34 -14.65 17.34
CA TYR A 248 7.67 -15.48 16.34
C TYR A 248 8.32 -15.37 14.96
N ASP A 249 8.29 -16.45 14.18
CA ASP A 249 8.84 -16.42 12.83
C ASP A 249 7.82 -15.74 11.90
N ILE A 250 7.89 -14.43 11.81
CA ILE A 250 6.95 -13.70 11.00
C ILE A 250 7.62 -12.67 10.10
N MET A 251 6.85 -12.02 9.23
CA MET A 251 7.38 -10.97 8.41
C MET A 251 6.66 -9.68 8.78
N THR A 252 7.41 -8.58 8.83
CA THR A 252 6.86 -7.29 9.18
C THR A 252 7.13 -6.25 8.12
N VAL A 253 6.24 -5.29 8.01
CA VAL A 253 6.39 -4.19 7.09
C VAL A 253 5.63 -3.00 7.68
N GLY A 254 6.30 -1.87 7.77
CA GLY A 254 5.65 -0.68 8.30
C GLY A 254 5.25 0.29 7.19
N GLU A 255 4.03 0.81 7.22
CA GLU A 255 3.60 1.78 6.23
C GLU A 255 4.08 3.09 6.82
N MET A 256 4.88 3.84 6.07
CA MET A 256 5.44 5.06 6.63
C MET A 256 5.43 6.30 5.77
N PRO A 257 4.36 7.09 5.85
CA PRO A 257 4.39 8.29 5.01
C PRO A 257 5.58 9.16 5.46
N GLY A 258 6.24 9.81 4.51
CA GLY A 258 7.33 10.68 4.86
C GLY A 258 8.69 10.15 5.29
N VAL A 259 8.88 8.84 5.29
CA VAL A 259 10.18 8.29 5.68
C VAL A 259 11.22 8.56 4.57
N THR A 260 12.48 8.71 4.96
CA THR A 260 13.58 8.98 4.02
C THR A 260 14.49 7.74 3.95
N THR A 261 15.30 7.63 2.90
CA THR A 261 16.21 6.51 2.76
C THR A 261 17.09 6.28 4.00
N GLU A 262 17.51 7.35 4.67
CA GLU A 262 18.39 7.26 5.86
C GLU A 262 17.65 6.77 7.08
N GLU A 263 16.40 7.18 7.20
CA GLU A 263 15.55 6.72 8.30
C GLU A 263 15.24 5.26 8.01
N ALA A 264 14.97 4.95 6.74
CA ALA A 264 14.66 3.59 6.34
C ALA A 264 15.77 2.67 6.73
N LYS A 265 17.02 3.13 6.69
CA LYS A 265 18.16 2.27 7.10
C LYS A 265 18.07 1.95 8.60
N LEU A 266 17.66 2.92 9.40
CA LEU A 266 17.54 2.75 10.84
C LEU A 266 16.35 1.87 11.16
N TYR A 267 15.29 1.98 10.35
CA TYR A 267 14.08 1.18 10.56
C TYR A 267 14.23 -0.26 10.13
N THR A 268 14.93 -0.48 9.03
CA THR A 268 15.05 -1.82 8.48
C THR A 268 16.34 -2.58 8.64
N GLY A 269 17.38 -1.92 9.15
CA GLY A 269 18.65 -2.58 9.34
C GLY A 269 18.52 -3.85 10.16
N GLU A 270 18.94 -4.97 9.59
CA GLU A 270 18.84 -6.25 10.29
C GLU A 270 19.28 -6.19 11.74
N GLU A 271 20.36 -5.45 12.01
CA GLU A 271 20.93 -5.34 13.34
C GLU A 271 20.29 -4.27 14.23
N ARG A 272 19.39 -3.49 13.67
CA ARG A 272 18.68 -2.46 14.41
C ARG A 272 17.55 -3.07 15.26
N LYS A 273 17.08 -4.26 14.86
CA LYS A 273 16.01 -4.98 15.53
C LYS A 273 14.76 -4.12 15.70
N GLU A 274 14.22 -3.66 14.59
CA GLU A 274 13.00 -2.87 14.56
C GLU A 274 12.10 -3.56 13.54
N LEU A 275 12.10 -3.12 12.29
CA LEU A 275 11.26 -3.73 11.25
C LEU A 275 12.08 -4.37 10.13
N GLN A 276 11.43 -5.20 9.30
CA GLN A 276 12.09 -5.86 8.16
C GLN A 276 12.04 -5.04 6.89
N MET A 277 11.00 -4.22 6.72
CA MET A 277 10.86 -3.38 5.54
C MET A 277 9.76 -2.37 5.79
N VAL A 278 9.69 -1.36 4.93
CA VAL A 278 8.73 -0.30 5.08
C VAL A 278 8.20 0.07 3.71
N PHE A 279 7.01 0.67 3.68
CA PHE A 279 6.40 1.16 2.46
C PHE A 279 6.71 2.65 2.51
N GLN A 280 7.45 3.17 1.53
CA GLN A 280 7.77 4.57 1.54
C GLN A 280 6.79 5.15 0.54
N PHE A 281 6.57 6.45 0.61
CA PHE A 281 5.64 7.15 -0.27
C PHE A 281 6.26 8.06 -1.31
N GLU A 282 7.58 8.20 -1.29
CA GLU A 282 8.24 9.07 -2.26
C GLU A 282 7.78 8.89 -3.68
N HIS A 283 7.70 7.64 -4.14
CA HIS A 283 7.21 7.41 -5.51
C HIS A 283 5.71 7.64 -5.70
N MET A 284 4.96 7.74 -4.60
CA MET A 284 3.51 7.97 -4.61
C MET A 284 3.16 9.48 -4.57
N ASP A 285 4.14 10.29 -4.19
CA ASP A 285 3.95 11.73 -4.13
C ASP A 285 4.62 12.49 -5.28
N LEU A 286 5.20 11.76 -6.23
CA LEU A 286 5.88 12.39 -7.36
C LEU A 286 4.96 13.21 -8.22
N ASP A 287 3.67 12.84 -8.26
CA ASP A 287 2.67 13.58 -9.05
C ASP A 287 1.75 14.51 -8.25
N SER A 288 2.19 14.90 -7.06
CA SER A 288 1.43 15.81 -6.23
C SER A 288 2.27 17.10 -6.19
N GLY A 289 1.61 18.22 -5.99
CA GLY A 289 2.33 19.46 -5.95
C GLY A 289 2.39 19.98 -4.55
N GLU A 290 2.52 21.30 -4.50
CA GLU A 290 2.63 22.08 -3.29
C GLU A 290 1.46 21.83 -2.33
N GLY A 291 0.24 21.95 -2.84
CA GLY A 291 -0.96 21.76 -2.03
C GLY A 291 -1.37 20.35 -1.66
N GLY A 292 -0.49 19.38 -1.82
CA GLY A 292 -0.84 18.02 -1.46
C GLY A 292 -1.28 17.15 -2.63
N LYS A 293 -1.82 15.98 -2.30
CA LYS A 293 -2.24 14.98 -3.28
C LYS A 293 -3.25 15.47 -4.31
N TRP A 294 -4.11 16.39 -3.91
CA TRP A 294 -5.11 16.87 -4.85
C TRP A 294 -4.53 17.85 -5.86
N ASP A 295 -3.34 18.39 -5.57
CA ASP A 295 -2.66 19.36 -6.44
C ASP A 295 -1.81 18.52 -7.38
N VAL A 296 -2.49 17.93 -8.36
CA VAL A 296 -1.90 17.03 -9.33
C VAL A 296 -0.82 17.68 -10.19
N LYS A 297 0.27 16.96 -10.38
CA LYS A 297 1.39 17.44 -11.16
C LYS A 297 1.84 16.31 -12.08
N PRO A 298 2.25 16.64 -13.32
CA PRO A 298 2.71 15.56 -14.19
C PRO A 298 4.05 15.02 -13.65
N CYS A 299 4.30 13.73 -13.85
CA CYS A 299 5.50 13.07 -13.38
C CYS A 299 6.19 12.44 -14.57
N SER A 300 7.45 12.80 -14.79
CA SER A 300 8.19 12.25 -15.91
C SER A 300 8.91 10.98 -15.52
N LEU A 301 9.28 10.20 -16.53
CA LEU A 301 10.00 8.97 -16.32
C LEU A 301 11.32 9.25 -15.62
N LEU A 302 11.93 10.41 -15.88
CA LEU A 302 13.19 10.72 -15.23
C LEU A 302 13.06 10.88 -13.75
N THR A 303 12.02 11.58 -13.32
CA THR A 303 11.77 11.77 -11.89
C THR A 303 11.49 10.41 -11.23
N LEU A 304 10.74 9.58 -11.94
CA LEU A 304 10.37 8.25 -11.44
C LEU A 304 11.59 7.34 -11.28
N LYS A 305 12.35 7.12 -12.34
CA LYS A 305 13.52 6.23 -12.24
C LYS A 305 14.59 6.74 -11.30
N GLU A 306 14.76 8.05 -11.20
CA GLU A 306 15.74 8.58 -10.26
C GLU A 306 15.29 8.18 -8.85
N ASN A 307 14.00 8.35 -8.57
CA ASN A 307 13.48 8.03 -7.25
C ASN A 307 13.55 6.54 -6.91
N LEU A 308 13.14 5.69 -7.82
CA LEU A 308 13.19 4.27 -7.55
C LEU A 308 14.62 3.78 -7.40
N THR A 309 15.51 4.32 -8.22
CA THR A 309 16.93 3.97 -8.20
C THR A 309 17.59 4.33 -6.86
N LYS A 310 17.24 5.52 -6.36
CA LYS A 310 17.74 6.01 -5.11
C LYS A 310 17.43 5.06 -3.97
N TRP A 311 16.20 4.56 -3.91
CA TRP A 311 15.82 3.61 -2.86
C TRP A 311 16.51 2.28 -3.04
N GLN A 312 16.74 1.90 -4.29
CA GLN A 312 17.43 0.68 -4.65
C GLN A 312 18.86 0.71 -4.13
N LYS A 313 19.52 1.84 -4.36
CA LYS A 313 20.90 2.03 -3.93
C LYS A 313 21.05 2.20 -2.43
N ALA A 314 20.13 2.91 -1.80
CA ALA A 314 20.22 3.16 -0.37
C ALA A 314 20.09 1.95 0.53
N LEU A 315 19.37 0.93 0.09
CA LEU A 315 19.17 -0.29 0.90
C LEU A 315 19.81 -1.53 0.29
N GLU A 316 20.88 -1.29 -0.47
CA GLU A 316 21.64 -2.35 -1.12
C GLU A 316 22.49 -3.11 -0.11
N HIS A 317 23.08 -2.40 0.84
CA HIS A 317 23.94 -3.06 1.81
C HIS A 317 23.34 -3.18 3.19
N THR A 318 22.30 -2.41 3.47
CA THR A 318 21.62 -2.48 4.76
C THR A 318 20.11 -2.39 4.52
N GLY A 319 19.33 -3.02 5.39
CA GLY A 319 17.89 -2.99 5.24
C GLY A 319 17.40 -3.86 4.10
N TRP A 320 16.15 -3.63 3.70
CA TRP A 320 15.51 -4.40 2.62
C TRP A 320 14.37 -3.56 2.11
N ASN A 321 14.19 -3.54 0.80
CA ASN A 321 13.13 -2.74 0.17
C ASN A 321 11.84 -3.50 0.01
N SER A 322 10.75 -2.76 -0.07
CA SER A 322 9.46 -3.31 -0.38
C SER A 322 9.22 -2.69 -1.76
N LEU A 323 8.52 -3.41 -2.62
CA LEU A 323 8.25 -2.96 -3.95
C LEU A 323 6.75 -2.93 -4.19
N TYR A 324 6.16 -1.75 -4.43
CA TYR A 324 4.73 -1.67 -4.70
C TYR A 324 4.42 -0.49 -5.58
N TRP A 325 3.34 -0.62 -6.35
CA TRP A 325 2.83 0.38 -7.27
C TRP A 325 1.53 1.01 -6.77
N ASN A 326 0.72 0.22 -6.07
CA ASN A 326 -0.58 0.66 -5.59
C ASN A 326 -1.09 -0.22 -4.49
N ASN A 327 -2.17 0.27 -3.85
CA ASN A 327 -2.82 -0.40 -2.72
C ASN A 327 -4.23 0.21 -2.55
N HIS A 328 -4.85 0.04 -1.39
CA HIS A 328 -6.20 0.59 -1.16
C HIS A 328 -6.28 2.11 -0.98
N ASP A 329 -5.13 2.77 -0.92
CA ASP A 329 -5.09 4.22 -0.76
C ASP A 329 -4.60 4.91 -1.99
N GLN A 330 -4.24 4.16 -3.02
CA GLN A 330 -3.68 4.79 -4.21
C GLN A 330 -4.43 4.47 -5.47
N PRO A 331 -4.28 5.33 -6.49
CA PRO A 331 -4.95 5.09 -7.77
C PRO A 331 -4.26 3.88 -8.42
N ARG A 332 -4.89 3.29 -9.42
CA ARG A 332 -4.34 2.10 -10.08
C ARG A 332 -3.22 2.44 -11.08
N VAL A 333 -2.12 1.66 -11.02
CA VAL A 333 -0.92 1.87 -11.86
C VAL A 333 -1.10 2.10 -13.32
N VAL A 334 -1.74 1.15 -13.99
CA VAL A 334 -1.92 1.30 -15.41
C VAL A 334 -2.52 2.64 -15.81
N SER A 335 -3.27 3.28 -14.91
CA SER A 335 -3.87 4.58 -15.19
C SER A 335 -2.97 5.72 -14.77
N ARG A 336 -2.22 5.52 -13.69
CA ARG A 336 -1.34 6.53 -13.16
C ARG A 336 -0.05 6.64 -13.94
N PHE A 337 0.72 5.55 -13.99
CA PHE A 337 2.01 5.57 -14.68
C PHE A 337 1.96 4.93 -16.07
N GLY A 338 0.89 4.23 -16.39
CA GLY A 338 0.82 3.57 -17.67
C GLY A 338 -0.12 4.27 -18.59
N ASN A 339 -0.67 3.51 -19.53
CA ASN A 339 -1.63 4.00 -20.51
C ASN A 339 -2.82 3.01 -20.32
N ASP A 340 -3.97 3.48 -19.84
CA ASP A 340 -5.10 2.56 -19.66
C ASP A 340 -6.07 2.51 -20.83
N GLY A 341 -5.61 2.99 -21.98
CA GLY A 341 -6.43 2.99 -23.18
C GLY A 341 -5.98 1.95 -24.19
N MET A 342 -5.55 2.42 -25.34
CA MET A 342 -5.05 1.55 -26.43
C MET A 342 -3.94 0.57 -25.98
N TYR A 343 -3.09 1.00 -25.04
CA TYR A 343 -1.98 0.17 -24.57
C TYR A 343 -2.07 -0.26 -23.13
N ARG A 344 -3.28 -0.59 -22.68
CA ARG A 344 -3.51 -1.04 -21.33
C ARG A 344 -2.78 -2.35 -21.00
N ILE A 345 -2.87 -3.31 -21.91
CA ILE A 345 -2.25 -4.60 -21.70
C ILE A 345 -0.72 -4.52 -21.77
N GLU A 346 -0.21 -3.78 -22.76
CA GLU A 346 1.23 -3.62 -22.95
C GLU A 346 1.87 -2.86 -21.81
N SER A 347 1.31 -1.71 -21.45
CA SER A 347 1.85 -0.92 -20.40
C SER A 347 1.71 -1.58 -19.06
N ALA A 348 0.66 -2.34 -18.83
CA ALA A 348 0.52 -3.03 -17.54
C ALA A 348 1.64 -4.05 -17.40
N LYS A 349 1.89 -4.77 -18.47
CA LYS A 349 2.96 -5.76 -18.49
C LYS A 349 4.30 -5.07 -18.30
N MET A 350 4.47 -3.93 -18.96
CA MET A 350 5.70 -3.15 -18.87
C MET A 350 6.00 -2.71 -17.43
N LEU A 351 5.00 -2.17 -16.73
CA LEU A 351 5.13 -1.70 -15.34
C LEU A 351 5.41 -2.83 -14.38
N ALA A 352 4.87 -3.99 -14.68
CA ALA A 352 5.06 -5.15 -13.82
C ALA A 352 6.51 -5.62 -13.94
N THR A 353 7.05 -5.55 -15.16
CA THR A 353 8.44 -5.95 -15.45
C THR A 353 9.40 -5.08 -14.66
N VAL A 354 9.24 -3.77 -14.83
CA VAL A 354 10.05 -2.77 -14.16
C VAL A 354 10.18 -2.94 -12.66
N LEU A 355 9.05 -3.19 -11.99
CA LEU A 355 9.01 -3.32 -10.54
C LEU A 355 9.39 -4.72 -10.07
N HIS A 356 8.94 -5.75 -10.78
CA HIS A 356 9.25 -7.11 -10.34
C HIS A 356 10.65 -7.61 -10.54
N MET A 357 11.41 -6.89 -11.36
CA MET A 357 12.80 -7.24 -11.60
C MET A 357 13.81 -6.42 -10.77
N MET A 358 13.31 -5.72 -9.75
CA MET A 358 14.16 -4.92 -8.85
C MET A 358 14.41 -5.73 -7.58
N LYS A 359 15.20 -5.16 -6.67
CA LYS A 359 15.54 -5.83 -5.41
C LYS A 359 14.59 -5.46 -4.26
N GLY A 360 14.03 -6.48 -3.61
CA GLY A 360 13.10 -6.28 -2.50
C GLY A 360 11.91 -7.24 -2.60
N THR A 361 10.91 -7.12 -1.73
CA THR A 361 9.72 -7.99 -1.76
C THR A 361 8.56 -7.25 -2.46
N PRO A 362 8.07 -7.79 -3.57
CA PRO A 362 6.97 -7.15 -4.31
C PRO A 362 5.60 -7.42 -3.69
N TYR A 363 4.70 -6.46 -3.86
CA TYR A 363 3.37 -6.56 -3.34
C TYR A 363 2.44 -6.34 -4.51
N ILE A 364 1.44 -7.20 -4.66
CA ILE A 364 0.47 -7.06 -5.75
C ILE A 364 -0.90 -6.70 -5.15
N TYR A 365 -1.55 -5.65 -5.66
CA TYR A 365 -2.85 -5.28 -5.13
C TYR A 365 -3.93 -5.94 -5.94
N GLN A 366 -4.94 -6.51 -5.28
CA GLN A 366 -6.04 -7.18 -5.95
C GLN A 366 -6.52 -6.38 -7.14
N GLY A 367 -6.54 -7.02 -8.29
CA GLY A 367 -6.96 -6.36 -9.51
C GLY A 367 -5.78 -5.98 -10.41
N GLU A 368 -4.61 -5.78 -9.81
CA GLU A 368 -3.41 -5.40 -10.55
C GLU A 368 -3.06 -6.44 -11.60
N GLU A 369 -3.12 -7.72 -11.21
CA GLU A 369 -2.81 -8.83 -12.10
C GLU A 369 -3.72 -8.99 -13.32
N ILE A 370 -4.83 -8.28 -13.39
CA ILE A 370 -5.67 -8.34 -14.58
C ILE A 370 -5.76 -6.96 -15.22
N GLY A 371 -4.99 -6.00 -14.71
CA GLY A 371 -4.93 -4.65 -15.25
C GLY A 371 -6.11 -3.75 -14.95
N MET A 372 -6.61 -3.82 -13.72
CA MET A 372 -7.73 -2.98 -13.38
C MET A 372 -7.31 -1.52 -13.50
N THR A 373 -8.28 -0.72 -13.93
CA THR A 373 -8.18 0.69 -14.21
C THR A 373 -8.86 1.57 -13.15
N ASN A 374 -8.58 2.86 -13.21
CA ASN A 374 -9.22 3.83 -12.34
C ASN A 374 -10.69 3.93 -12.82
N VAL A 375 -11.54 4.53 -12.00
CA VAL A 375 -12.94 4.65 -12.35
C VAL A 375 -13.37 6.12 -12.51
N ARG A 376 -14.30 6.38 -13.41
CA ARG A 376 -14.79 7.72 -13.59
C ARG A 376 -16.33 7.78 -13.47
N PHE A 377 -16.82 8.04 -12.24
CA PHE A 377 -18.25 8.16 -11.95
C PHE A 377 -18.56 9.61 -12.22
N GLU A 378 -19.67 9.89 -12.87
CA GLU A 378 -19.98 11.27 -13.21
C GLU A 378 -20.55 12.12 -12.09
N SER A 379 -20.84 11.49 -10.95
CA SER A 379 -21.42 12.17 -9.79
C SER A 379 -20.75 11.83 -8.47
N ILE A 380 -20.61 12.85 -7.63
CA ILE A 380 -20.00 12.72 -6.30
C ILE A 380 -20.77 11.72 -5.41
N ASP A 381 -22.05 11.51 -5.70
CA ASP A 381 -22.88 10.58 -4.91
C ASP A 381 -22.51 9.12 -5.09
N GLU A 382 -21.77 8.82 -6.16
CA GLU A 382 -21.31 7.46 -6.45
C GLU A 382 -20.01 7.12 -5.72
N TYR A 383 -19.36 8.13 -5.16
CA TYR A 383 -18.12 7.95 -4.41
C TYR A 383 -18.49 7.73 -2.95
N ARG A 384 -17.68 6.93 -2.26
CA ARG A 384 -17.93 6.57 -0.88
C ARG A 384 -16.95 7.02 0.23
N ASP A 385 -15.67 7.14 -0.11
CA ASP A 385 -14.59 7.49 0.83
C ASP A 385 -14.69 8.83 1.63
N ILE A 386 -14.57 8.78 2.96
CA ILE A 386 -14.62 9.99 3.83
C ILE A 386 -13.72 11.08 3.27
N GLU A 387 -12.49 10.70 2.94
CA GLU A 387 -11.50 11.63 2.41
C GLU A 387 -12.00 12.40 1.19
N THR A 388 -12.48 11.67 0.19
CA THR A 388 -13.04 12.28 -1.02
C THR A 388 -14.27 13.13 -0.71
N LEU A 389 -15.19 12.59 0.08
CA LEU A 389 -16.41 13.32 0.42
C LEU A 389 -16.15 14.59 1.22
N ASN A 390 -15.24 14.48 2.18
CA ASN A 390 -14.89 15.61 3.03
C ASN A 390 -14.14 16.68 2.27
N MET A 391 -13.29 16.23 1.35
CA MET A 391 -12.50 17.13 0.52
C MET A 391 -13.45 17.89 -0.39
N TYR A 392 -14.47 17.19 -0.89
CA TYR A 392 -15.49 17.79 -1.78
C TYR A 392 -16.29 18.91 -1.08
N LYS A 393 -16.69 18.69 0.18
CA LYS A 393 -17.44 19.69 0.93
C LYS A 393 -16.57 20.92 1.11
N GLU A 394 -15.35 20.72 1.56
CA GLU A 394 -14.44 21.82 1.78
C GLU A 394 -14.17 22.65 0.53
N LYS A 395 -13.71 22.00 -0.54
CA LYS A 395 -13.40 22.72 -1.76
C LYS A 395 -14.58 23.27 -2.50
N VAL A 396 -15.60 22.45 -2.72
CA VAL A 396 -16.79 22.87 -3.44
C VAL A 396 -17.76 23.70 -2.60
N MET A 397 -18.09 23.23 -1.40
CA MET A 397 -19.05 23.95 -0.55
C MET A 397 -18.49 25.09 0.26
N GLU A 398 -17.28 24.94 0.77
CA GLU A 398 -16.71 26.00 1.57
C GLU A 398 -15.83 26.97 0.84
N ARG A 399 -14.96 26.48 -0.05
CA ARG A 399 -14.08 27.35 -0.82
C ARG A 399 -14.68 27.81 -2.14
N GLY A 400 -15.80 27.21 -2.53
CA GLY A 400 -16.47 27.59 -3.77
C GLY A 400 -15.73 27.30 -5.07
N GLU A 401 -14.97 26.21 -5.11
CA GLU A 401 -14.24 25.85 -6.31
C GLU A 401 -15.11 25.14 -7.35
N ASP A 402 -14.57 25.08 -8.56
CA ASP A 402 -15.22 24.47 -9.70
C ASP A 402 -15.46 22.97 -9.50
N ILE A 403 -16.70 22.54 -9.63
CA ILE A 403 -17.02 21.13 -9.45
C ILE A 403 -16.23 20.26 -10.41
N GLU A 404 -16.18 20.66 -11.67
CA GLU A 404 -15.45 19.90 -12.69
C GLU A 404 -14.00 19.63 -12.34
N LYS A 405 -13.29 20.64 -11.86
CA LYS A 405 -11.89 20.47 -11.49
C LYS A 405 -11.77 19.56 -10.27
N VAL A 406 -12.62 19.80 -9.28
CA VAL A 406 -12.61 18.97 -8.08
C VAL A 406 -12.80 17.49 -8.45
N MET A 407 -13.73 17.21 -9.37
CA MET A 407 -14.02 15.86 -9.81
C MET A 407 -12.87 15.24 -10.59
N GLN A 408 -12.14 16.08 -11.31
CA GLN A 408 -10.98 15.62 -12.07
C GLN A 408 -9.89 15.11 -11.14
N SER A 409 -9.62 15.82 -10.05
CA SER A 409 -8.61 15.38 -9.11
C SER A 409 -9.07 14.09 -8.42
N ILE A 410 -10.38 13.90 -8.30
CA ILE A 410 -10.94 12.69 -7.68
C ILE A 410 -10.70 11.55 -8.65
N TYR A 411 -10.93 11.77 -9.93
CA TYR A 411 -10.69 10.73 -10.93
C TYR A 411 -9.22 10.26 -10.91
N ILE A 412 -8.30 11.20 -10.71
CA ILE A 412 -6.87 10.91 -10.66
C ILE A 412 -6.34 10.38 -9.32
N LYS A 413 -6.74 11.00 -8.21
CA LYS A 413 -6.23 10.62 -6.90
C LYS A 413 -7.16 9.97 -5.87
N GLY A 414 -8.45 9.89 -6.17
CA GLY A 414 -9.39 9.31 -5.22
C GLY A 414 -9.12 7.86 -4.88
N ARG A 415 -9.19 7.54 -3.59
CA ARG A 415 -8.94 6.19 -3.11
C ARG A 415 -9.99 5.21 -3.58
N ASP A 416 -11.17 5.68 -3.97
CA ASP A 416 -12.19 4.75 -4.43
C ASP A 416 -11.79 4.10 -5.74
N ASN A 417 -10.81 4.68 -6.42
CA ASN A 417 -10.31 4.10 -7.67
C ASN A 417 -9.85 2.69 -7.44
N ALA A 418 -9.40 2.46 -6.22
CA ALA A 418 -8.88 1.18 -5.77
C ALA A 418 -9.84 0.26 -5.04
N ARG A 419 -11.05 0.75 -4.77
CA ARG A 419 -12.02 -0.02 -3.97
C ARG A 419 -13.30 -0.51 -4.64
N THR A 420 -13.42 -0.33 -5.95
CA THR A 420 -14.60 -0.80 -6.66
C THR A 420 -14.37 -2.32 -6.67
N PRO A 421 -15.44 -3.11 -6.71
CA PRO A 421 -15.33 -4.58 -6.71
C PRO A 421 -14.40 -5.25 -7.70
N MET A 422 -13.71 -6.27 -7.19
CA MET A 422 -12.81 -7.11 -7.98
C MET A 422 -13.64 -7.70 -9.12
N GLN A 423 -13.10 -7.63 -10.33
CA GLN A 423 -13.81 -8.09 -11.51
C GLN A 423 -13.53 -9.53 -11.94
N TRP A 424 -14.32 -10.46 -11.40
CA TRP A 424 -14.21 -11.87 -11.65
C TRP A 424 -14.65 -12.38 -13.01
N ASP A 425 -15.75 -11.85 -13.54
CA ASP A 425 -16.22 -12.29 -14.85
C ASP A 425 -17.11 -11.26 -15.51
N ASP A 426 -17.79 -11.63 -16.58
CA ASP A 426 -18.70 -10.72 -17.28
C ASP A 426 -20.18 -10.82 -16.89
N GLN A 427 -20.45 -11.49 -15.78
CA GLN A 427 -21.82 -11.61 -15.32
C GLN A 427 -22.17 -10.29 -14.68
N ASN A 428 -23.42 -10.16 -14.28
CA ASN A 428 -23.96 -8.95 -13.70
C ASN A 428 -23.02 -7.99 -12.95
N HIS A 429 -22.55 -8.29 -11.75
CA HIS A 429 -21.67 -7.29 -11.11
C HIS A 429 -20.24 -7.77 -11.17
N ALA A 430 -19.80 -8.15 -12.37
CA ALA A 430 -18.48 -8.71 -12.61
C ALA A 430 -18.32 -10.00 -11.81
N GLY A 431 -19.44 -10.59 -11.40
CA GLY A 431 -19.43 -11.83 -10.63
C GLY A 431 -19.00 -11.70 -9.18
N PHE A 432 -18.93 -10.47 -8.70
CA PHE A 432 -18.53 -10.16 -7.34
C PHE A 432 -19.62 -10.44 -6.30
N THR A 433 -20.86 -10.17 -6.68
CA THR A 433 -22.01 -10.33 -5.79
C THR A 433 -23.27 -10.65 -6.57
N THR A 434 -24.23 -11.26 -5.88
CA THR A 434 -25.53 -11.57 -6.49
C THR A 434 -26.54 -10.52 -6.06
N GLY A 435 -26.16 -9.71 -5.07
CA GLY A 435 -26.99 -8.65 -4.58
C GLY A 435 -26.62 -7.38 -5.32
N GLU A 436 -26.44 -6.30 -4.56
CA GLU A 436 -26.07 -5.01 -5.13
C GLU A 436 -24.78 -4.59 -4.40
N PRO A 437 -23.71 -4.26 -5.15
CA PRO A 437 -22.46 -3.86 -4.49
C PRO A 437 -22.51 -2.58 -3.64
N TRP A 438 -21.70 -2.56 -2.58
CA TRP A 438 -21.65 -1.39 -1.71
C TRP A 438 -21.19 -0.16 -2.52
N ILE A 439 -20.50 -0.43 -3.64
CA ILE A 439 -20.02 0.61 -4.53
C ILE A 439 -20.06 0.00 -5.92
N THR A 440 -20.37 0.83 -6.91
CA THR A 440 -20.50 0.40 -8.29
C THR A 440 -19.22 -0.18 -8.89
N VAL A 441 -19.43 -1.26 -9.64
CA VAL A 441 -18.39 -2.00 -10.33
C VAL A 441 -18.06 -1.20 -11.57
N ASN A 442 -16.78 -1.06 -11.85
CA ASN A 442 -16.29 -0.33 -13.02
C ASN A 442 -16.93 -0.94 -14.27
N PRO A 443 -17.56 -0.10 -15.10
CA PRO A 443 -18.22 -0.51 -16.34
C PRO A 443 -17.35 -1.29 -17.32
N ASN A 444 -16.04 -1.20 -17.17
CA ASN A 444 -15.15 -1.92 -18.07
C ASN A 444 -14.91 -3.36 -17.72
N TYR A 445 -15.69 -3.88 -16.77
CA TYR A 445 -15.54 -5.27 -16.38
C TYR A 445 -15.87 -6.27 -17.50
N LYS A 446 -16.60 -5.83 -18.50
CA LYS A 446 -16.94 -6.71 -19.60
C LYS A 446 -15.74 -7.18 -20.44
N GLU A 447 -14.68 -6.39 -20.45
CA GLU A 447 -13.45 -6.74 -21.18
C GLU A 447 -12.33 -7.08 -20.20
N ILE A 448 -12.40 -6.49 -19.00
CA ILE A 448 -11.39 -6.68 -17.97
C ILE A 448 -11.93 -7.48 -16.79
N ASN A 449 -11.64 -8.77 -16.77
CA ASN A 449 -12.07 -9.63 -15.69
C ASN A 449 -11.25 -10.88 -15.71
N VAL A 450 -11.19 -11.54 -14.57
CA VAL A 450 -10.44 -12.77 -14.35
C VAL A 450 -10.67 -13.94 -15.28
N LYS A 451 -11.92 -14.22 -15.67
CA LYS A 451 -12.14 -15.37 -16.55
C LYS A 451 -11.63 -15.15 -17.95
N GLN A 452 -11.76 -13.92 -18.44
CA GLN A 452 -11.24 -13.56 -19.74
C GLN A 452 -9.72 -13.70 -19.70
N ALA A 453 -9.10 -13.19 -18.64
CA ALA A 453 -7.63 -13.23 -18.45
C ALA A 453 -7.08 -14.63 -18.29
N ILE A 454 -7.86 -15.51 -17.66
CA ILE A 454 -7.46 -16.88 -17.45
C ILE A 454 -7.64 -17.76 -18.70
N GLN A 455 -8.43 -17.31 -19.66
CA GLN A 455 -8.57 -18.12 -20.86
C GLN A 455 -7.74 -17.59 -22.00
N ASN A 456 -7.12 -16.44 -21.81
CA ASN A 456 -6.24 -15.84 -22.82
C ASN A 456 -4.81 -15.91 -22.25
N LYS A 457 -3.97 -16.75 -22.83
CA LYS A 457 -2.61 -16.91 -22.34
C LYS A 457 -1.73 -15.67 -22.50
N ASP A 458 -2.16 -14.73 -23.33
CA ASP A 458 -1.43 -13.49 -23.55
C ASP A 458 -1.93 -12.37 -22.66
N SER A 459 -2.61 -12.72 -21.58
CA SER A 459 -3.16 -11.71 -20.69
C SER A 459 -2.15 -11.29 -19.65
N ILE A 460 -2.50 -10.22 -18.94
CA ILE A 460 -1.69 -9.67 -17.88
C ILE A 460 -1.51 -10.70 -16.75
N PHE A 461 -2.56 -11.50 -16.52
CA PHE A 461 -2.51 -12.50 -15.46
C PHE A 461 -1.36 -13.47 -15.65
N TYR A 462 -1.24 -13.97 -16.86
CA TYR A 462 -0.18 -14.91 -17.21
C TYR A 462 1.21 -14.26 -17.16
N TYR A 463 1.27 -12.98 -17.49
CA TYR A 463 2.53 -12.23 -17.44
C TYR A 463 3.00 -12.14 -15.98
N TYR A 464 2.10 -11.77 -15.07
CA TYR A 464 2.42 -11.68 -13.65
C TYR A 464 2.82 -13.02 -13.08
N LYS A 465 2.19 -14.07 -13.57
CA LYS A 465 2.47 -15.41 -13.11
C LYS A 465 3.91 -15.80 -13.49
N LYS A 466 4.31 -15.49 -14.71
CA LYS A 466 5.66 -15.80 -15.18
C LYS A 466 6.71 -14.99 -14.42
N LEU A 467 6.38 -13.75 -14.15
CA LEU A 467 7.23 -12.85 -13.41
C LEU A 467 7.52 -13.42 -12.04
N ILE A 468 6.50 -14.02 -11.42
CA ILE A 468 6.62 -14.57 -10.08
C ILE A 468 7.41 -15.87 -10.15
N GLU A 469 7.18 -16.63 -11.19
CA GLU A 469 7.88 -17.88 -11.38
C GLU A 469 9.39 -17.62 -11.58
N LEU A 470 9.71 -16.65 -12.41
CA LEU A 470 11.10 -16.28 -12.69
C LEU A 470 11.81 -15.94 -11.38
N ARG A 471 11.14 -15.16 -10.57
CA ARG A 471 11.64 -14.74 -9.27
C ARG A 471 11.90 -15.88 -8.29
N LYS A 472 11.04 -16.89 -8.34
CA LYS A 472 11.16 -18.05 -7.48
C LYS A 472 12.29 -18.96 -7.95
N ASN A 473 12.42 -19.05 -9.26
CA ASN A 473 13.42 -19.90 -9.88
C ASN A 473 14.78 -19.28 -10.18
N ASN A 474 14.97 -18.00 -9.92
CA ASN A 474 16.25 -17.35 -10.18
C ASN A 474 16.66 -16.49 -8.98
N GLU A 475 17.70 -16.91 -8.29
CA GLU A 475 18.19 -16.21 -7.11
C GLU A 475 18.65 -14.78 -7.37
N ILE A 476 19.16 -14.55 -8.57
CA ILE A 476 19.62 -13.24 -8.95
C ILE A 476 18.52 -12.20 -8.85
N VAL A 477 17.27 -12.56 -9.20
CA VAL A 477 16.20 -11.56 -9.09
C VAL A 477 15.86 -11.17 -7.65
N VAL A 478 16.22 -12.02 -6.69
CA VAL A 478 15.96 -11.69 -5.31
C VAL A 478 17.18 -11.03 -4.67
N TYR A 479 18.34 -11.64 -4.87
CA TYR A 479 19.56 -11.17 -4.23
C TYR A 479 20.56 -10.34 -5.02
N GLY A 480 20.40 -10.24 -6.33
CA GLY A 480 21.35 -9.47 -7.11
C GLY A 480 21.32 -8.00 -6.78
N SER A 481 22.39 -7.29 -7.11
CA SER A 481 22.47 -5.86 -6.83
C SER A 481 21.74 -5.12 -7.95
N TYR A 482 21.64 -3.80 -7.82
CA TYR A 482 20.94 -3.02 -8.82
C TYR A 482 21.78 -1.87 -9.34
N ASP A 483 21.74 -1.65 -10.64
CA ASP A 483 22.43 -0.52 -11.22
C ASP A 483 21.68 0.02 -12.45
N LEU A 484 21.28 1.28 -12.35
CA LEU A 484 20.57 1.96 -13.42
C LEU A 484 21.48 2.36 -14.56
N ILE A 485 21.08 2.00 -15.79
CA ILE A 485 21.85 2.39 -16.96
C ILE A 485 20.99 3.36 -17.75
N LEU A 486 21.60 4.03 -18.72
CA LEU A 486 20.90 5.02 -19.55
C LEU A 486 20.17 5.99 -18.64
N GLU A 487 20.82 6.34 -17.53
CA GLU A 487 20.22 7.21 -16.54
C GLU A 487 19.41 8.39 -17.00
N ASN A 488 19.88 9.08 -18.03
CA ASN A 488 19.17 10.29 -18.48
C ASN A 488 18.29 10.14 -19.71
N ASN A 489 18.11 8.91 -20.17
CA ASN A 489 17.27 8.67 -21.33
C ASN A 489 15.82 8.97 -20.88
N PRO A 490 15.14 9.89 -21.59
CA PRO A 490 13.77 10.26 -21.23
C PRO A 490 12.68 9.30 -21.69
N SER A 491 13.03 8.19 -22.30
CA SER A 491 12.04 7.24 -22.80
C SER A 491 12.22 5.84 -22.26
N ILE A 492 13.45 5.46 -21.99
CA ILE A 492 13.74 4.12 -21.55
C ILE A 492 14.13 3.97 -20.11
N PHE A 493 13.49 3.03 -19.43
CA PHE A 493 13.80 2.70 -18.05
C PHE A 493 14.61 1.40 -18.19
N ALA A 494 15.90 1.45 -17.91
CA ALA A 494 16.74 0.28 -18.05
C ALA A 494 17.68 0.14 -16.87
N TYR A 495 18.01 -1.10 -16.54
CA TYR A 495 18.90 -1.36 -15.42
C TYR A 495 19.47 -2.77 -15.49
N VAL A 496 20.43 -3.03 -14.62
CA VAL A 496 21.08 -4.33 -14.59
C VAL A 496 21.10 -4.92 -13.19
N ARG A 497 20.88 -6.22 -13.09
CA ARG A 497 20.94 -6.90 -11.80
C ARG A 497 22.18 -7.76 -11.96
N THR A 498 23.06 -7.72 -10.97
CA THR A 498 24.30 -8.48 -11.00
C THR A 498 24.34 -9.39 -9.78
N TYR A 499 24.65 -10.66 -10.01
CA TYR A 499 24.72 -11.59 -8.90
C TYR A 499 25.64 -12.69 -9.37
N GLY A 500 26.85 -12.70 -8.82
CA GLY A 500 27.84 -13.67 -9.23
C GLY A 500 28.32 -13.32 -10.62
N VAL A 501 28.37 -14.33 -11.49
CA VAL A 501 28.81 -14.11 -12.86
C VAL A 501 27.68 -13.74 -13.81
N GLU A 502 26.44 -13.88 -13.35
CA GLU A 502 25.28 -13.59 -14.18
C GLU A 502 24.80 -12.18 -14.01
N LYS A 503 24.02 -11.76 -14.99
CA LYS A 503 23.46 -10.43 -15.01
C LYS A 503 22.09 -10.51 -15.64
N LEU A 504 21.23 -9.57 -15.28
CA LEU A 504 19.90 -9.49 -15.85
C LEU A 504 19.86 -8.11 -16.42
N LEU A 505 19.43 -8.01 -17.67
CA LEU A 505 19.30 -6.71 -18.31
C LEU A 505 17.79 -6.54 -18.47
N VAL A 506 17.25 -5.46 -17.91
CA VAL A 506 15.82 -5.18 -17.99
C VAL A 506 15.64 -3.92 -18.84
N ILE A 507 14.83 -4.00 -19.88
CA ILE A 507 14.62 -2.85 -20.72
C ILE A 507 13.12 -2.57 -20.79
N ALA A 508 12.74 -1.32 -20.54
CA ALA A 508 11.34 -0.94 -20.58
C ALA A 508 11.11 0.38 -21.30
N ASN A 509 10.25 0.39 -22.31
CA ASN A 509 9.91 1.63 -23.00
C ASN A 509 8.70 2.22 -22.24
N PHE A 510 8.84 3.41 -21.69
CA PHE A 510 7.74 4.02 -20.95
C PHE A 510 6.85 4.90 -21.81
N THR A 511 6.99 4.82 -23.13
CA THR A 511 6.19 5.68 -23.99
C THR A 511 5.43 4.94 -25.08
N ALA A 512 4.52 5.65 -25.71
CA ALA A 512 3.70 5.13 -26.80
C ALA A 512 4.44 5.21 -28.12
N GLU A 513 5.68 5.68 -28.10
CA GLU A 513 6.49 5.83 -29.31
C GLU A 513 7.61 4.83 -29.43
N GLU A 514 7.96 4.51 -30.67
CA GLU A 514 9.05 3.61 -30.94
C GLU A 514 10.33 4.35 -30.61
N CYS A 515 11.27 3.67 -29.98
CA CYS A 515 12.56 4.28 -29.66
C CYS A 515 13.66 3.25 -29.76
N ILE A 516 14.90 3.70 -29.68
CA ILE A 516 16.04 2.81 -29.81
C ILE A 516 16.82 2.57 -28.52
N PHE A 517 17.10 1.30 -28.22
CA PHE A 517 17.89 0.99 -27.05
C PHE A 517 19.29 0.63 -27.54
N GLU A 518 20.30 1.27 -26.98
CA GLU A 518 21.68 1.00 -27.34
C GLU A 518 22.40 0.50 -26.10
N LEU A 519 22.85 -0.74 -26.15
CA LEU A 519 23.54 -1.35 -25.02
C LEU A 519 24.87 -0.64 -24.76
N PRO A 520 25.14 -0.24 -23.50
CA PRO A 520 26.41 0.44 -23.20
C PRO A 520 27.62 -0.47 -23.43
N GLU A 521 28.68 0.09 -24.01
CA GLU A 521 29.89 -0.70 -24.28
C GLU A 521 30.44 -1.32 -23.02
N ASP A 522 30.17 -0.67 -21.88
CA ASP A 522 30.65 -1.16 -20.59
C ASP A 522 30.22 -2.61 -20.31
N ILE A 523 29.00 -2.96 -20.68
CA ILE A 523 28.49 -4.31 -20.43
C ILE A 523 28.97 -5.30 -21.45
N SER A 524 29.62 -6.36 -20.98
CA SER A 524 30.10 -7.38 -21.89
C SER A 524 29.52 -8.73 -21.48
N TYR A 525 29.04 -9.46 -22.47
CA TYR A 525 28.43 -10.76 -22.24
C TYR A 525 28.88 -11.70 -23.36
N SER A 526 28.62 -12.98 -23.18
CA SER A 526 28.95 -13.94 -24.22
C SER A 526 27.71 -14.77 -24.51
N GLU A 527 26.91 -15.00 -23.48
CA GLU A 527 25.68 -15.77 -23.60
C GLU A 527 24.50 -14.87 -23.25
N VAL A 528 23.42 -14.99 -24.02
CA VAL A 528 22.22 -14.19 -23.80
C VAL A 528 20.99 -15.08 -23.82
N GLU A 529 20.07 -14.87 -22.89
CA GLU A 529 18.86 -15.65 -22.88
C GLU A 529 17.67 -14.77 -22.58
N LEU A 530 16.70 -14.73 -23.50
CA LEU A 530 15.49 -13.94 -23.32
C LEU A 530 14.56 -14.61 -22.31
N LEU A 531 14.34 -13.93 -21.18
CA LEU A 531 13.47 -14.44 -20.11
C LEU A 531 11.98 -14.19 -20.27
N ILE A 532 11.58 -12.93 -20.44
CA ILE A 532 10.18 -12.59 -20.58
C ILE A 532 10.11 -11.39 -21.49
N HIS A 533 8.98 -11.21 -22.15
CA HIS A 533 8.82 -10.11 -23.10
C HIS A 533 7.33 -9.94 -23.33
N ASN A 534 6.87 -8.71 -23.49
CA ASN A 534 5.46 -8.44 -23.72
C ASN A 534 5.11 -8.22 -25.19
N TYR A 535 6.05 -8.52 -26.09
CA TYR A 535 5.83 -8.41 -27.53
C TYR A 535 6.52 -9.62 -28.15
N ASP A 536 6.23 -9.93 -29.41
CA ASP A 536 6.88 -11.05 -30.06
C ASP A 536 8.23 -10.61 -30.56
N VAL A 537 9.29 -11.09 -29.92
CA VAL A 537 10.65 -10.72 -30.32
C VAL A 537 11.59 -11.89 -30.40
N GLU A 538 12.31 -11.98 -31.52
CA GLU A 538 13.34 -13.00 -31.67
C GLU A 538 14.52 -12.06 -31.53
N ASN A 539 14.80 -11.67 -30.28
CA ASN A 539 15.87 -10.71 -30.03
C ASN A 539 17.30 -11.17 -29.89
N GLY A 540 18.13 -10.52 -30.71
CA GLY A 540 19.54 -10.77 -30.80
C GLY A 540 19.97 -10.05 -32.07
N PRO A 541 20.99 -9.19 -32.01
CA PRO A 541 21.76 -8.86 -30.81
C PRO A 541 20.98 -7.92 -29.89
N ILE A 542 21.62 -7.52 -28.79
CA ILE A 542 21.00 -6.64 -27.83
C ILE A 542 21.77 -5.31 -27.76
N GLU A 543 22.58 -5.07 -28.79
CA GLU A 543 23.40 -3.86 -28.86
C GLU A 543 22.52 -2.71 -29.27
N ASN A 544 21.58 -2.98 -30.17
CA ASN A 544 20.65 -1.97 -30.68
C ASN A 544 19.30 -2.64 -30.90
N ILE A 545 18.30 -2.20 -30.13
CA ILE A 545 16.96 -2.75 -30.20
C ILE A 545 15.94 -1.63 -30.39
N THR A 546 15.03 -1.82 -31.34
CA THR A 546 13.97 -0.84 -31.56
C THR A 546 12.80 -1.29 -30.70
N LEU A 547 12.43 -0.46 -29.75
CA LEU A 547 11.35 -0.79 -28.85
C LEU A 547 10.00 -0.30 -29.35
N ARG A 548 9.02 -1.19 -29.46
CA ARG A 548 7.68 -0.76 -29.87
C ARG A 548 7.04 -0.07 -28.67
N PRO A 549 5.88 0.57 -28.86
CA PRO A 549 5.26 1.26 -27.71
C PRO A 549 5.08 0.37 -26.49
N TYR A 550 5.54 0.89 -25.35
CA TYR A 550 5.45 0.22 -24.07
C TYR A 550 6.06 -1.15 -24.00
N GLU A 551 6.90 -1.48 -24.99
CA GLU A 551 7.55 -2.78 -25.01
C GLU A 551 8.53 -2.92 -23.85
N ALA A 552 8.58 -4.10 -23.26
CA ALA A 552 9.47 -4.34 -22.14
C ALA A 552 10.05 -5.74 -22.32
N MET A 553 11.28 -5.96 -21.85
CA MET A 553 11.91 -7.27 -21.96
C MET A 553 13.02 -7.46 -20.95
N VAL A 554 13.28 -8.70 -20.57
CA VAL A 554 14.30 -9.03 -19.60
C VAL A 554 15.23 -10.08 -20.19
N PHE A 555 16.53 -9.88 -20.07
CA PHE A 555 17.55 -10.81 -20.59
C PHE A 555 18.45 -11.30 -19.46
N LYS A 556 18.94 -12.54 -19.56
CA LYS A 556 19.91 -13.05 -18.59
C LYS A 556 21.20 -13.16 -19.40
N LEU A 557 22.24 -12.44 -19.00
CA LEU A 557 23.53 -12.46 -19.70
C LEU A 557 24.58 -13.36 -19.04
N LYS A 558 25.06 -14.34 -19.80
CA LYS A 558 26.08 -15.33 -19.40
C LYS A 558 25.59 -16.39 -18.41
#